data_5UUK
#
_entry.id   5UUK
#
_cell.length_a   43.249
_cell.length_b   43.326
_cell.length_c   45.744
_cell.angle_alpha   90.000
_cell.angle_beta   110.900
_cell.angle_gamma   90.000
#
_symmetry.space_group_name_H-M   'P 1 21 1'
#
loop_
_entity.id
_entity.type
_entity.pdbx_description
1 polymer 'Bcl-2-related protein A1'
2 polymer 'Bfl-1-specific selected peptide'
3 non-polymer 'SULFATE ION'
4 water water
#
loop_
_entity_poly.entity_id
_entity_poly.type
_entity_poly.pdbx_seq_one_letter_code
_entity_poly.pdbx_strand_id
1 'polypeptide(L)'
;GMTDCEFGYIYRLAQDYLQCVLQIPQPGSGPSKTSRVLQNVAFSVQKEVEKNLKSCLDNVNVVSVDTARTLFNQVMEKEF
EDGIINWGRIVTIFAFEGILIKKLLRQQIAPDVDTYKEISYFVAEFIMNNTGEWIRQNGGWENGFVKKFEPK
;
A
2 'polypeptide(L)' (ACE)QWVREIAAGLRRAADDVNAQVER(NH2) B
#
# COMPACT_ATOMS: atom_id res chain seq x y z
N GLY A 1 -12.57 -12.53 -9.22
CA GLY A 1 -12.24 -13.73 -10.03
C GLY A 1 -10.78 -13.76 -10.44
N MET A 2 -10.48 -14.63 -11.40
CA MET A 2 -9.09 -14.86 -11.78
C MET A 2 -8.45 -13.61 -12.38
N THR A 3 -9.24 -12.74 -13.01
CA THR A 3 -8.70 -11.56 -13.68
C THR A 3 -8.45 -10.41 -12.72
N ASP A 4 -8.78 -10.53 -11.44
CA ASP A 4 -8.56 -9.41 -10.54
C ASP A 4 -7.08 -9.20 -10.20
N CYS A 5 -6.18 -10.01 -10.78
CA CYS A 5 -4.74 -9.80 -10.63
C CYS A 5 -4.14 -9.01 -11.79
N GLU A 6 -4.96 -8.48 -12.70
CA GLU A 6 -4.49 -7.66 -13.80
C GLU A 6 -4.46 -6.18 -13.42
N PHE A 7 -3.82 -5.38 -14.28
CA PHE A 7 -3.40 -4.07 -13.85
C PHE A 7 -4.57 -3.19 -13.46
N GLY A 8 -5.63 -3.17 -14.29
CA GLY A 8 -6.72 -2.24 -14.04
C GLY A 8 -7.35 -2.44 -12.67
N TYR A 9 -7.57 -3.68 -12.28
CA TYR A 9 -8.21 -3.93 -11.00
C TYR A 9 -7.31 -3.48 -9.87
N ILE A 10 -6.02 -3.82 -9.95
CA ILE A 10 -5.06 -3.44 -8.91
C ILE A 10 -4.91 -1.92 -8.83
N TYR A 11 -4.85 -1.26 -9.98
CA TYR A 11 -4.70 0.18 -10.01
C TYR A 11 -5.90 0.84 -9.34
N ARG A 12 -7.10 0.31 -9.58
CA ARG A 12 -8.28 0.85 -8.94
C ARG A 12 -8.19 0.67 -7.43
N LEU A 13 -7.73 -0.49 -6.95
CA LEU A 13 -7.57 -0.64 -5.50
C LEU A 13 -6.57 0.36 -4.93
N ALA A 14 -5.43 0.56 -5.62
CA ALA A 14 -4.41 1.46 -5.11
C ALA A 14 -4.91 2.89 -5.12
N GLN A 15 -5.64 3.29 -6.16
CA GLN A 15 -6.18 4.64 -6.23
C GLN A 15 -7.27 4.85 -5.20
N ASP A 16 -8.16 3.86 -5.04
CA ASP A 16 -9.22 3.93 -4.03
C ASP A 16 -8.61 4.18 -2.66
N TYR A 17 -7.53 3.48 -2.34
CA TYR A 17 -6.96 3.62 -1.00
C TYR A 17 -6.40 5.03 -0.80
N LEU A 18 -5.71 5.58 -1.81
CA LEU A 18 -5.24 6.95 -1.66
C LEU A 18 -6.37 7.95 -1.56
N GLN A 19 -7.47 7.73 -2.31
CA GLN A 19 -8.63 8.61 -2.19
C GLN A 19 -9.25 8.52 -0.81
N CYS A 20 -9.20 7.34 -0.19
CA CYS A 20 -9.65 7.21 1.20
C CYS A 20 -8.78 8.04 2.13
N VAL A 21 -7.45 7.91 2.00
CA VAL A 21 -6.55 8.66 2.86
C VAL A 21 -6.76 10.16 2.67
N LEU A 22 -6.91 10.60 1.43
CA LEU A 22 -7.08 12.03 1.12
C LEU A 22 -8.50 12.53 1.35
N GLN A 23 -9.43 11.67 1.71
CA GLN A 23 -10.83 12.00 1.98
C GLN A 23 -11.57 12.51 0.74
N ILE A 24 -11.21 11.99 -0.43
CA ILE A 24 -11.89 12.31 -1.69
C ILE A 24 -12.31 11.03 -2.42
N PRO A 25 -13.06 10.13 -1.82
CA PRO A 25 -13.50 8.93 -2.54
C PRO A 25 -14.43 9.26 -3.70
N GLN A 26 -14.45 8.34 -4.67
CA GLN A 26 -15.28 8.45 -5.84
C GLN A 26 -16.76 8.51 -5.44
N PRO A 27 -17.59 9.07 -6.31
CA PRO A 27 -19.01 9.26 -5.95
C PRO A 27 -19.84 8.03 -6.24
N GLY A 28 -21.14 8.12 -5.98
CA GLY A 28 -22.06 7.04 -6.34
C GLY A 28 -21.91 5.84 -5.42
N SER A 29 -21.90 4.66 -6.03
CA SER A 29 -21.69 3.43 -5.27
C SER A 29 -20.36 3.46 -4.53
N GLY A 30 -19.42 4.29 -4.96
CA GLY A 30 -18.14 4.38 -4.31
C GLY A 30 -17.40 3.06 -4.41
N PRO A 31 -16.58 2.75 -3.42
CA PRO A 31 -15.64 1.64 -3.59
C PRO A 31 -16.32 0.29 -3.57
N SER A 32 -15.68 -0.67 -4.25
CA SER A 32 -16.13 -2.03 -4.27
C SER A 32 -16.02 -2.68 -2.88
N LYS A 33 -16.61 -3.87 -2.77
CA LYS A 33 -16.48 -4.63 -1.52
C LYS A 33 -15.03 -4.91 -1.19
N THR A 34 -14.20 -5.27 -2.18
CA THR A 34 -12.78 -5.52 -1.89
C THR A 34 -12.13 -4.29 -1.31
N SER A 35 -12.33 -3.14 -1.97
CA SER A 35 -11.72 -1.92 -1.48
C SER A 35 -12.19 -1.59 -0.09
N ARG A 36 -13.47 -1.82 0.20
CA ARG A 36 -13.98 -1.48 1.52
C ARG A 36 -13.27 -2.30 2.58
N VAL A 37 -13.08 -3.59 2.32
CA VAL A 37 -12.38 -4.42 3.29
C VAL A 37 -10.92 -4.02 3.40
N LEU A 38 -10.28 -3.80 2.24
CA LEU A 38 -8.86 -3.44 2.25
C LEU A 38 -8.61 -2.14 2.99
N GLN A 39 -9.46 -1.14 2.78
CA GLN A 39 -9.18 0.16 3.39
C GLN A 39 -9.14 0.08 4.92
N ASN A 40 -10.01 -0.71 5.54
CA ASN A 40 -9.98 -0.79 7.00
CA ASN A 40 -9.99 -0.80 7.00
C ASN A 40 -8.69 -1.42 7.49
N VAL A 41 -8.28 -2.52 6.87
CA VAL A 41 -7.07 -3.19 7.37
C VAL A 41 -5.83 -2.40 7.02
N ALA A 42 -5.76 -1.83 5.82
CA ALA A 42 -4.58 -1.07 5.45
C ALA A 42 -4.43 0.19 6.30
N PHE A 43 -5.55 0.84 6.63
CA PHE A 43 -5.46 2.03 7.45
C PHE A 43 -5.00 1.70 8.85
N SER A 44 -5.51 0.60 9.41
CA SER A 44 -5.05 0.17 10.74
C SER A 44 -3.54 -0.03 10.73
N VAL A 45 -3.04 -0.70 9.69
CA VAL A 45 -1.59 -0.89 9.57
C VAL A 45 -0.87 0.44 9.42
N GLN A 46 -1.40 1.32 8.56
CA GLN A 46 -0.77 2.61 8.33
C GLN A 46 -0.58 3.37 9.61
N LYS A 47 -1.60 3.42 10.46
CA LYS A 47 -1.48 4.18 11.70
C LYS A 47 -0.41 3.59 12.60
N GLU A 48 -0.35 2.26 12.68
CA GLU A 48 0.66 1.62 13.51
C GLU A 48 2.06 1.93 13.00
N VAL A 49 2.25 1.87 11.68
CA VAL A 49 3.56 2.13 11.09
C VAL A 49 3.97 3.59 11.32
N GLU A 50 3.02 4.52 11.12
CA GLU A 50 3.35 5.93 11.33
C GLU A 50 3.83 6.17 12.75
N LYS A 51 3.23 5.47 13.71
CA LYS A 51 3.63 5.62 15.10
CA LYS A 51 3.63 5.62 15.10
C LYS A 51 4.97 4.94 15.36
N ASN A 52 5.09 3.68 14.95
CA ASN A 52 6.27 2.89 15.32
C ASN A 52 7.52 3.36 14.59
N LEU A 53 7.36 3.93 13.39
CA LEU A 53 8.50 4.38 12.60
C LEU A 53 8.59 5.90 12.55
N LYS A 54 8.00 6.59 13.52
CA LYS A 54 7.96 8.05 13.44
C LYS A 54 9.36 8.64 13.20
N SER A 55 10.37 8.12 13.89
CA SER A 55 11.69 8.76 13.83
C SER A 55 12.34 8.60 12.46
N CYS A 56 12.30 7.39 11.89
CA CYS A 56 12.95 7.21 10.58
C CYS A 56 12.09 7.75 9.43
N LEU A 57 10.79 7.91 9.64
CA LEU A 57 9.95 8.55 8.63
C LEU A 57 10.12 10.06 8.61
N ASP A 58 10.63 10.65 9.70
CA ASP A 58 10.97 12.07 9.68
C ASP A 58 12.17 12.36 8.79
N ASN A 59 12.98 11.36 8.44
CA ASN A 59 14.15 11.58 7.62
C ASN A 59 13.81 11.76 6.14
N VAL A 60 12.64 11.34 5.71
CA VAL A 60 12.31 11.31 4.29
C VAL A 60 11.66 12.63 3.90
N ASN A 61 12.11 13.19 2.78
CA ASN A 61 11.51 14.38 2.19
CA ASN A 61 11.51 14.38 2.18
C ASN A 61 11.04 14.01 0.79
N VAL A 62 9.74 13.80 0.64
CA VAL A 62 9.16 13.28 -0.61
C VAL A 62 8.75 14.51 -1.42
N VAL A 63 9.69 15.03 -2.22
CA VAL A 63 9.50 16.31 -2.89
C VAL A 63 8.85 16.20 -4.27
N SER A 64 8.73 15.00 -4.83
CA SER A 64 8.18 14.86 -6.17
C SER A 64 7.69 13.43 -6.35
N VAL A 65 6.92 13.24 -7.43
CA VAL A 65 6.53 11.89 -7.84
C VAL A 65 7.76 11.03 -8.06
N ASP A 66 8.79 11.55 -8.71
CA ASP A 66 9.95 10.74 -8.99
C ASP A 66 10.63 10.29 -7.71
N THR A 67 10.77 11.17 -6.71
CA THR A 67 11.41 10.71 -5.48
C THR A 67 10.51 9.77 -4.71
N ALA A 68 9.19 9.95 -4.79
CA ALA A 68 8.27 8.99 -4.17
C ALA A 68 8.44 7.61 -4.80
N ARG A 69 8.57 7.56 -6.13
CA ARG A 69 8.75 6.29 -6.80
C ARG A 69 10.07 5.65 -6.40
N THR A 70 11.14 6.44 -6.37
CA THR A 70 12.45 5.90 -6.01
C THR A 70 12.40 5.32 -4.60
N LEU A 71 11.84 6.06 -3.64
CA LEU A 71 11.79 5.58 -2.27
C LEU A 71 10.89 4.35 -2.16
N PHE A 72 9.72 4.40 -2.81
CA PHE A 72 8.83 3.25 -2.81
C PHE A 72 9.53 2.01 -3.32
N ASN A 73 10.19 2.13 -4.47
CA ASN A 73 10.84 0.96 -5.05
C ASN A 73 11.97 0.46 -4.16
N GLN A 74 12.75 1.37 -3.55
CA GLN A 74 13.84 0.96 -2.66
C GLN A 74 13.31 0.22 -1.45
N VAL A 75 12.27 0.78 -0.82
CA VAL A 75 11.69 0.15 0.35
C VAL A 75 11.06 -1.20 0.01
N MET A 76 10.31 -1.26 -1.09
CA MET A 76 9.69 -2.52 -1.50
C MET A 76 10.74 -3.59 -1.80
N GLU A 77 11.80 -3.21 -2.51
CA GLU A 77 12.86 -4.18 -2.81
C GLU A 77 13.40 -4.79 -1.52
N LYS A 78 13.66 -3.96 -0.51
CA LYS A 78 14.18 -4.47 0.76
C LYS A 78 13.11 -5.26 1.53
N GLU A 79 11.86 -4.82 1.49
CA GLU A 79 10.83 -5.55 2.24
C GLU A 79 10.65 -6.97 1.69
N PHE A 80 10.66 -7.11 0.36
CA PHE A 80 10.33 -8.34 -0.33
C PHE A 80 11.57 -9.13 -0.79
N GLU A 81 12.77 -8.72 -0.34
CA GLU A 81 14.00 -9.29 -0.86
C GLU A 81 14.08 -10.79 -0.65
N ASP A 82 13.52 -11.29 0.46
CA ASP A 82 13.59 -12.71 0.80
C ASP A 82 12.65 -13.57 -0.06
N GLY A 83 11.87 -12.97 -0.95
CA GLY A 83 11.02 -13.75 -1.83
C GLY A 83 9.69 -14.18 -1.25
N ILE A 84 9.42 -13.90 0.01
CA ILE A 84 8.16 -14.29 0.63
C ILE A 84 7.06 -13.29 0.28
N ILE A 85 5.91 -13.79 -0.10
CA ILE A 85 4.72 -12.98 -0.33
C ILE A 85 3.61 -13.55 0.51
N ASN A 86 2.84 -12.66 1.14
CA ASN A 86 1.63 -13.08 1.86
C ASN A 86 0.74 -11.85 1.95
N TRP A 87 -0.50 -12.08 2.39
CA TRP A 87 -1.46 -10.97 2.40
C TRP A 87 -1.03 -9.86 3.33
N GLY A 88 -0.41 -10.17 4.48
CA GLY A 88 0.02 -9.10 5.38
C GLY A 88 1.03 -8.18 4.72
N ARG A 89 1.99 -8.76 3.99
CA ARG A 89 2.94 -7.94 3.26
C ARG A 89 2.25 -7.13 2.16
N ILE A 90 1.30 -7.73 1.44
CA ILE A 90 0.55 -6.97 0.44
C ILE A 90 -0.18 -5.79 1.07
N VAL A 91 -0.80 -5.99 2.23
CA VAL A 91 -1.49 -4.88 2.90
C VAL A 91 -0.51 -3.74 3.20
N THR A 92 0.73 -4.08 3.62
CA THR A 92 1.70 -3.01 3.93
C THR A 92 2.07 -2.17 2.71
N ILE A 93 1.92 -2.71 1.50
CA ILE A 93 2.18 -1.90 0.31
C ILE A 93 1.20 -0.75 0.26
N PHE A 94 -0.08 -1.03 0.50
CA PHE A 94 -1.10 0.00 0.53
C PHE A 94 -0.86 0.98 1.67
N ALA A 95 -0.56 0.47 2.87
CA ALA A 95 -0.25 1.36 3.98
C ALA A 95 0.89 2.31 3.64
N PHE A 96 1.93 1.80 2.98
CA PHE A 96 3.07 2.65 2.66
C PHE A 96 2.73 3.70 1.61
N GLU A 97 1.92 3.36 0.59
CA GLU A 97 1.54 4.42 -0.34
C GLU A 97 0.71 5.49 0.35
N GLY A 98 -0.06 5.13 1.37
CA GLY A 98 -0.78 6.11 2.16
C GLY A 98 0.16 7.06 2.88
N ILE A 99 1.25 6.52 3.44
CA ILE A 99 2.27 7.38 4.06
C ILE A 99 2.88 8.31 3.02
N LEU A 100 3.21 7.77 1.84
CA LEU A 100 3.83 8.61 0.81
C LEU A 100 2.92 9.73 0.37
N ILE A 101 1.62 9.47 0.19
CA ILE A 101 0.74 10.53 -0.31
C ILE A 101 0.61 11.63 0.73
N LYS A 102 0.63 11.27 2.01
CA LYS A 102 0.57 12.28 3.07
C LYS A 102 1.83 13.13 3.10
N LYS A 103 3.00 12.50 2.95
CA LYS A 103 4.24 13.29 2.89
C LYS A 103 4.24 14.21 1.68
N LEU A 104 3.80 13.71 0.52
CA LEU A 104 3.74 14.56 -0.68
C LEU A 104 2.79 15.72 -0.50
N LEU A 105 1.64 15.49 0.14
CA LEU A 105 0.67 16.58 0.30
C LEU A 105 1.32 17.75 1.00
N ARG A 106 2.28 17.49 1.87
CA ARG A 106 2.96 18.54 2.60
CA ARG A 106 2.96 18.54 2.60
C ARG A 106 4.28 18.98 1.97
N GLN A 107 4.99 18.07 1.27
CA GLN A 107 6.36 18.32 0.83
C GLN A 107 6.55 18.47 -0.68
N GLN A 108 5.56 18.14 -1.49
CA GLN A 108 5.76 18.13 -2.93
C GLN A 108 6.04 19.56 -3.40
N ILE A 109 7.12 19.73 -4.18
CA ILE A 109 7.49 21.06 -4.62
C ILE A 109 6.49 21.59 -5.62
N ALA A 110 6.05 20.74 -6.55
CA ALA A 110 5.12 21.14 -7.61
C ALA A 110 3.84 20.34 -7.44
N PRO A 111 3.01 20.69 -6.46
CA PRO A 111 1.83 19.88 -6.19
C PRO A 111 0.87 19.92 -7.36
N ASP A 112 0.20 18.82 -7.56
CA ASP A 112 -0.71 18.65 -8.67
C ASP A 112 -1.82 17.77 -8.14
N VAL A 113 -3.06 18.16 -8.40
CA VAL A 113 -4.19 17.41 -7.88
C VAL A 113 -4.29 16.01 -8.44
N ASP A 114 -3.61 15.70 -9.53
CA ASP A 114 -3.62 14.34 -10.06
C ASP A 114 -2.55 13.45 -9.43
N THR A 115 -1.79 13.95 -8.44
CA THR A 115 -0.60 13.24 -8.00
C THR A 115 -0.95 11.84 -7.52
N TYR A 116 -2.07 11.69 -6.80
CA TYR A 116 -2.41 10.38 -6.27
C TYR A 116 -2.61 9.37 -7.38
N LYS A 117 -2.98 9.81 -8.58
CA LYS A 117 -3.13 8.87 -9.69
C LYS A 117 -1.77 8.37 -10.18
N GLU A 118 -0.73 9.20 -10.06
CA GLU A 118 0.60 8.78 -10.45
C GLU A 118 1.21 7.85 -9.40
N ILE A 119 1.02 8.17 -8.12
CA ILE A 119 1.57 7.32 -7.08
C ILE A 119 0.94 5.93 -7.16
N SER A 120 -0.39 5.89 -7.21
CA SER A 120 -1.06 4.60 -7.23
C SER A 120 -0.69 3.80 -8.48
N TYR A 121 -0.31 4.47 -9.56
CA TYR A 121 0.12 3.79 -10.77
C TYR A 121 1.39 2.95 -10.52
N PHE A 122 2.43 3.56 -9.96
CA PHE A 122 3.65 2.78 -9.73
C PHE A 122 3.48 1.76 -8.60
N VAL A 123 2.53 2.00 -7.71
CA VAL A 123 2.20 0.99 -6.71
C VAL A 123 1.58 -0.24 -7.38
N ALA A 124 0.64 0.00 -8.30
CA ALA A 124 0.02 -1.10 -9.05
C ALA A 124 1.05 -1.86 -9.89
N GLU A 125 2.00 -1.14 -10.52
CA GLU A 125 3.05 -1.81 -11.26
C GLU A 125 3.79 -2.79 -10.37
N PHE A 126 4.18 -2.36 -9.18
CA PHE A 126 4.92 -3.23 -8.29
C PHE A 126 4.08 -4.42 -7.88
N ILE A 127 2.84 -4.19 -7.46
CA ILE A 127 2.00 -5.28 -6.99
C ILE A 127 1.79 -6.29 -8.09
N MET A 128 1.48 -5.81 -9.29
CA MET A 128 1.20 -6.73 -10.38
C MET A 128 2.44 -7.54 -10.72
N ASN A 129 3.58 -6.87 -10.91
CA ASN A 129 4.77 -7.52 -11.41
C ASN A 129 5.47 -8.39 -10.37
N ASN A 130 5.35 -8.05 -9.08
CA ASN A 130 6.11 -8.75 -8.06
C ASN A 130 5.27 -9.66 -7.17
N THR A 131 3.96 -9.44 -7.10
CA THR A 131 3.08 -10.26 -6.27
C THR A 131 1.90 -10.84 -7.02
N GLY A 132 1.71 -10.51 -8.30
CA GLY A 132 0.48 -10.88 -8.98
C GLY A 132 0.30 -12.39 -9.15
N GLU A 133 1.40 -13.11 -9.42
CA GLU A 133 1.31 -14.56 -9.54
C GLU A 133 0.88 -15.19 -8.22
N TRP A 134 1.50 -14.77 -7.11
CA TRP A 134 1.12 -15.30 -5.81
C TRP A 134 -0.34 -14.98 -5.52
N ILE A 135 -0.77 -13.75 -5.84
CA ILE A 135 -2.16 -13.37 -5.59
C ILE A 135 -3.10 -14.31 -6.33
N ARG A 136 -2.84 -14.51 -7.62
CA ARG A 136 -3.70 -15.38 -8.41
CA ARG A 136 -3.71 -15.37 -8.42
C ARG A 136 -3.76 -16.78 -7.84
N GLN A 137 -2.60 -17.35 -7.51
CA GLN A 137 -2.54 -18.72 -7.00
C GLN A 137 -3.23 -18.88 -5.66
N ASN A 138 -3.40 -17.79 -4.91
CA ASN A 138 -4.03 -17.83 -3.61
C ASN A 138 -5.46 -17.29 -3.62
N GLY A 139 -6.09 -17.27 -4.78
CA GLY A 139 -7.49 -16.97 -4.88
C GLY A 139 -7.83 -15.55 -5.26
N GLY A 140 -6.85 -14.73 -5.52
CA GLY A 140 -7.10 -13.36 -5.89
C GLY A 140 -7.69 -12.55 -4.75
N TRP A 141 -8.20 -11.39 -5.13
CA TRP A 141 -8.78 -10.50 -4.15
C TRP A 141 -10.11 -11.02 -3.63
N GLU A 142 -10.92 -11.66 -4.48
CA GLU A 142 -12.25 -12.09 -4.09
C GLU A 142 -12.21 -13.39 -3.28
N ASN A 143 -11.47 -14.39 -3.76
CA ASN A 143 -11.47 -15.70 -3.12
C ASN A 143 -10.29 -15.89 -2.18
N GLY A 144 -9.39 -14.92 -2.10
CA GLY A 144 -8.25 -15.02 -1.23
C GLY A 144 -8.37 -13.95 -0.16
N PHE A 145 -8.07 -12.71 -0.54
CA PHE A 145 -8.02 -11.62 0.42
C PHE A 145 -9.35 -11.43 1.13
N VAL A 146 -10.43 -11.20 0.38
CA VAL A 146 -11.69 -10.85 1.04
C VAL A 146 -12.15 -12.01 1.93
N LYS A 147 -11.98 -13.24 1.47
CA LYS A 147 -12.42 -14.38 2.27
C LYS A 147 -11.70 -14.42 3.61
N LYS A 148 -10.42 -14.07 3.63
CA LYS A 148 -9.66 -14.12 4.86
C LYS A 148 -9.87 -12.89 5.74
N PHE A 149 -10.08 -11.71 5.15
CA PHE A 149 -10.04 -10.47 5.90
C PHE A 149 -11.42 -9.86 6.17
N GLU A 150 -12.48 -10.33 5.50
CA GLU A 150 -13.78 -9.77 5.75
C GLU A 150 -14.22 -10.11 7.16
N PRO A 151 -15.22 -9.40 7.68
CA PRO A 151 -15.56 -9.52 9.08
C PRO A 151 -16.02 -10.92 9.38
N LYS A 152 -15.80 -11.27 10.63
CA LYS A 152 -16.11 -12.58 11.13
C LYS A 152 -17.62 -12.70 11.25
N GLN B 2 20.20 5.41 5.65
CA GLN B 2 20.06 4.21 6.47
C GLN B 2 18.60 3.88 6.79
N TRP B 3 17.74 4.88 6.65
N TRP B 3 17.73 4.88 6.65
CA TRP B 3 16.34 4.73 7.03
CA TRP B 3 16.33 4.71 7.03
C TRP B 3 15.52 3.95 6.01
C TRP B 3 15.52 3.94 6.01
N VAL B 4 16.01 3.77 4.77
CA VAL B 4 15.34 2.89 3.82
C VAL B 4 15.19 1.49 4.41
N ARG B 5 16.30 0.93 4.90
CA ARG B 5 16.24 -0.41 5.50
C ARG B 5 15.41 -0.41 6.77
N GLU B 6 15.44 0.66 7.55
CA GLU B 6 14.63 0.71 8.77
C GLU B 6 13.15 0.67 8.44
N ILE B 7 12.72 1.41 7.42
CA ILE B 7 11.32 1.39 7.03
C ILE B 7 10.94 -0.01 6.58
N ALA B 8 11.76 -0.62 5.72
CA ALA B 8 11.42 -1.93 5.19
C ALA B 8 11.29 -2.93 6.32
N ALA B 9 12.20 -2.87 7.31
CA ALA B 9 12.12 -3.78 8.45
C ALA B 9 10.84 -3.55 9.23
N GLY B 10 10.44 -2.28 9.38
CA GLY B 10 9.19 -1.98 10.07
C GLY B 10 7.97 -2.48 9.33
N LEU B 11 7.99 -2.42 7.99
CA LEU B 11 6.88 -2.97 7.23
C LEU B 11 6.83 -4.49 7.34
N ARG B 12 7.98 -5.16 7.30
CA ARG B 12 7.98 -6.61 7.48
C ARG B 12 7.35 -6.97 8.81
N ARG B 13 7.67 -6.22 9.87
CA ARG B 13 7.12 -6.49 11.20
C ARG B 13 5.62 -6.23 11.23
N ALA B 14 5.17 -5.11 10.66
CA ALA B 14 3.74 -4.84 10.64
C ALA B 14 2.99 -5.90 9.85
N ALA B 15 3.58 -6.39 8.76
CA ALA B 15 2.96 -7.46 7.97
C ALA B 15 2.79 -8.72 8.81
N ASP B 16 3.80 -9.06 9.61
CA ASP B 16 3.71 -10.24 10.47
C ASP B 16 2.60 -10.09 11.49
N ASP B 17 2.41 -8.89 12.03
CA ASP B 17 1.30 -8.66 12.96
C ASP B 17 -0.05 -8.91 12.29
N VAL B 18 -0.20 -8.47 11.02
CA VAL B 18 -1.44 -8.73 10.28
C VAL B 18 -1.63 -10.22 10.10
N ASN B 19 -0.58 -10.91 9.65
CA ASN B 19 -0.70 -12.33 9.40
C ASN B 19 -1.06 -13.08 10.68
N ALA B 20 -0.47 -12.70 11.81
CA ALA B 20 -0.76 -13.36 13.07
C ALA B 20 -2.23 -13.23 13.43
N GLN B 21 -2.88 -12.16 12.98
CA GLN B 21 -4.26 -11.93 13.38
C GLN B 21 -5.26 -12.72 12.54
N VAL B 22 -5.08 -12.74 11.22
CA VAL B 22 -6.09 -13.32 10.34
C VAL B 22 -5.85 -14.81 10.12
N GLU B 23 -4.62 -15.27 10.24
CA GLU B 23 -4.30 -16.67 10.00
C GLU B 23 -4.74 -17.52 11.20
#